data_8XSI
#
_entry.id   8XSI
#
_cell.length_a   1.00
_cell.length_b   1.00
_cell.length_c   1.00
_cell.angle_alpha   90.00
_cell.angle_beta   90.00
_cell.angle_gamma   90.00
#
_symmetry.space_group_name_H-M   'P 1'
#
loop_
_entity.id
_entity.type
_entity.pdbx_description
1 polymer 'Spike protein S1'
2 polymer 'IMCAS-364 H chain'
3 polymer 'IMCAS-364 L chain'
4 non-polymer 2-acetamido-2-deoxy-beta-D-glucopyranose
#
loop_
_entity_poly.entity_id
_entity_poly.type
_entity_poly.pdbx_seq_one_letter_code
_entity_poly.pdbx_strand_id
1 'polypeptide(L)'
;RVQPTESIVRFPNITNLCPFGEVFNATRFASVYAWNRKRISNCVADYSVLYNSASFSTFKCYGVSPTKLNDLCFTNVYAD
SFVIRGDEVRQIAPGQTGKIADYNYKLPDDFTGCVIAWNSNNLDSKVGGNYNYLYRLFRKSNLKPFERDISTEIYQAGST
PCNGVEGFNCYFPLQSYGFQPTNGVGYQPYRVVVLSFELLHAPATVCGP
;
B
2 'polypeptide(L)'
;QVQLQESGGGVVQPGRSLRLSCAASGFTFSRYGMHWVRQAPGKGLEWVAVIWYDGSNKYYADSVKGRFTISRDNSKNTLY
LQMNSLRADDTAVYYCAKQEGTYCSGGSCYSGLDYWGQGTLVTVSSASTKGPSVFPLAPSSKSTSGGTAALGCLVKDYFP
EPVTVSWNSGALTSGVHTFPAVLQSSGLYSLSSVVTVPSSSLGTQTYICNVNHKPSNTKVDKRVEPKSCDKTHTCPPCPA
PELLGGPSVFLFPPKPKGHLMISRTPEVTCVVVDVSHEDPEVKFNWYVDGVEVHNAKTKPREEQYNSTYRVVSVLTVLHQ
DWLNGKEYKCKVSNKALPAPIEKTISKAKGQPREPQVYTLPPSRDELTKNQVSLTCLVKGFYPSDIAVEWESNGQPENNY
KTTPPVLDSDGSFFLYSKLTVDKSRWQQGNVFSCSVMHEALHNHYTQKSLSLSPGK
;
H
3 'polypeptide(L)'
;DIQMTQSPSSLSASVGDRVTITCRASQSISSYLNWYQQKPGKAPKLLIYAASSLQSGVPSRFSGSGSGTDFTLTISSLQP
EDFATYYCQQSYSTPLTFGGGIKVDIKRTVAAPSVFIFPPSDEQLKSGTASVVCLLNNFYPREAKVQWKVDNALQSGNSQ
ESVTEQDSKDSTYSLSSTLTLSKADYEKHKVYACEVTHQGLSSPVTKSFNRGECS
;
L
#
# COMPACT_ATOMS: atom_id res chain seq x y z
N THR A 15 -6.93 25.18 -12.41
CA THR A 15 -8.36 24.99 -12.17
C THR A 15 -8.89 23.79 -12.96
N ASN A 16 -8.50 22.59 -12.55
CA ASN A 16 -8.92 21.35 -13.19
C ASN A 16 -9.78 20.56 -12.22
N LEU A 17 -10.99 20.19 -12.65
CA LEU A 17 -11.88 19.44 -11.80
C LEU A 17 -11.39 18.00 -11.64
N CYS A 18 -11.81 17.37 -10.56
CA CYS A 18 -11.41 16.00 -10.29
C CYS A 18 -12.04 15.04 -11.31
N PRO A 19 -11.33 13.99 -11.70
CA PRO A 19 -11.94 12.93 -12.52
C PRO A 19 -12.74 11.98 -11.67
N PHE A 20 -14.08 12.09 -11.75
CA PHE A 20 -14.97 11.14 -11.14
C PHE A 20 -15.69 10.26 -12.15
N GLY A 21 -15.62 10.58 -13.43
CA GLY A 21 -16.10 9.68 -14.45
C GLY A 21 -15.18 8.52 -14.74
N GLU A 22 -14.02 8.50 -14.09
CA GLU A 22 -13.11 7.38 -14.19
C GLU A 22 -13.31 6.35 -13.09
N VAL A 23 -13.94 6.75 -11.99
CA VAL A 23 -14.29 5.83 -10.91
C VAL A 23 -15.77 5.46 -10.93
N PHE A 24 -16.64 6.45 -11.17
CA PHE A 24 -18.07 6.16 -11.27
C PHE A 24 -18.43 5.64 -12.65
N ASN A 25 -18.15 6.41 -13.69
CA ASN A 25 -18.45 6.03 -15.06
C ASN A 25 -17.39 5.11 -15.64
N ALA A 26 -17.10 4.02 -14.93
CA ALA A 26 -16.08 3.07 -15.36
C ALA A 26 -16.74 1.87 -16.02
N THR A 27 -16.18 1.46 -17.17
CA THR A 27 -16.72 0.36 -17.94
C THR A 27 -16.60 -0.98 -17.21
N ARG A 28 -15.58 -1.16 -16.37
CA ARG A 28 -15.37 -2.41 -15.66
C ARG A 28 -15.10 -2.12 -14.19
N PHE A 29 -15.76 -2.87 -13.31
CA PHE A 29 -15.51 -2.81 -11.89
C PHE A 29 -14.75 -4.06 -11.45
N ALA A 30 -14.27 -4.05 -10.21
CA ALA A 30 -13.44 -5.12 -9.68
C ALA A 30 -14.24 -5.99 -8.72
N SER A 31 -13.71 -7.20 -8.50
CA SER A 31 -14.29 -8.10 -7.52
C SER A 31 -14.03 -7.59 -6.11
N VAL A 32 -14.85 -8.06 -5.16
CA VAL A 32 -14.76 -7.56 -3.79
C VAL A 32 -13.45 -8.00 -3.13
N TYR A 33 -12.94 -9.20 -3.47
CA TYR A 33 -11.69 -9.64 -2.86
C TYR A 33 -10.48 -8.91 -3.43
N ALA A 34 -10.60 -8.36 -4.64
CA ALA A 34 -9.54 -7.63 -5.33
C ALA A 34 -10.03 -6.26 -5.76
N TRP A 35 -10.66 -5.56 -4.83
CA TRP A 35 -11.24 -4.24 -5.09
C TRP A 35 -10.17 -3.27 -5.58
N ASN A 36 -10.59 -2.31 -6.41
CA ASN A 36 -9.62 -1.40 -7.00
C ASN A 36 -9.58 -0.08 -6.26
N ARG A 37 -8.41 0.56 -6.28
CA ARG A 37 -8.16 1.79 -5.57
C ARG A 37 -7.57 2.83 -6.52
N LYS A 38 -8.07 4.06 -6.44
CA LYS A 38 -7.58 5.14 -7.27
C LYS A 38 -7.23 6.35 -6.42
N ARG A 39 -6.20 7.06 -6.86
CA ARG A 39 -5.69 8.27 -6.21
C ARG A 39 -6.19 9.50 -6.96
N ILE A 40 -6.69 10.48 -6.21
CA ILE A 40 -7.15 11.75 -6.79
C ILE A 40 -6.57 12.90 -6.00
N SER A 41 -5.83 13.79 -6.66
CA SER A 41 -5.21 14.93 -6.01
C SER A 41 -4.98 16.04 -7.02
N ASN A 42 -4.75 17.25 -6.50
CA ASN A 42 -4.51 18.45 -7.31
C ASN A 42 -5.68 18.69 -8.28
N CYS A 43 -6.84 18.95 -7.69
CA CYS A 43 -8.07 19.05 -8.45
C CYS A 43 -9.00 20.07 -7.80
N VAL A 44 -10.14 20.31 -8.44
CA VAL A 44 -11.14 21.29 -8.01
C VAL A 44 -12.45 20.55 -7.76
N ALA A 45 -12.33 19.33 -7.24
CA ALA A 45 -13.44 18.40 -7.02
C ALA A 45 -14.72 19.10 -6.57
N ASP A 46 -15.82 18.78 -7.26
CA ASP A 46 -17.14 19.31 -6.95
C ASP A 46 -18.02 18.15 -6.46
N TYR A 47 -18.50 18.25 -5.22
CA TYR A 47 -19.29 17.18 -4.65
C TYR A 47 -20.79 17.39 -4.80
N SER A 48 -21.22 18.61 -5.14
CA SER A 48 -22.64 18.87 -5.34
C SER A 48 -23.20 18.08 -6.51
N VAL A 49 -22.39 17.83 -7.54
CA VAL A 49 -22.85 17.03 -8.67
C VAL A 49 -23.20 15.61 -8.23
N LEU A 50 -22.34 15.00 -7.41
CA LEU A 50 -22.60 13.66 -6.94
C LEU A 50 -23.77 13.63 -5.97
N TYR A 51 -23.78 14.51 -4.98
CA TYR A 51 -24.82 14.46 -3.97
C TYR A 51 -26.20 14.81 -4.55
N ASN A 52 -26.25 15.71 -5.51
CA ASN A 52 -27.51 16.20 -6.07
C ASN A 52 -27.76 15.67 -7.48
N SER A 53 -27.41 14.40 -7.72
CA SER A 53 -27.65 13.77 -9.00
C SER A 53 -28.93 12.96 -9.06
N ALA A 54 -29.48 12.56 -7.91
CA ALA A 54 -30.73 11.79 -7.82
C ALA A 54 -30.64 10.52 -8.66
N SER A 55 -29.51 9.83 -8.55
CA SER A 55 -29.30 8.59 -9.29
C SER A 55 -28.71 7.46 -8.45
N PHE A 56 -28.36 7.69 -7.20
CA PHE A 56 -27.73 6.70 -6.34
C PHE A 56 -28.69 6.27 -5.25
N SER A 57 -28.83 4.96 -5.05
CA SER A 57 -29.75 4.44 -4.05
C SER A 57 -29.23 4.67 -2.64
N THR A 58 -27.95 4.41 -2.41
CA THR A 58 -27.36 4.54 -1.09
C THR A 58 -26.24 5.59 -1.14
N PHE A 59 -26.31 6.55 -0.21
CA PHE A 59 -25.31 7.62 -0.13
C PHE A 59 -25.16 7.98 1.34
N LYS A 60 -24.18 7.38 2.01
CA LYS A 60 -24.02 7.58 3.45
C LYS A 60 -22.62 8.04 3.77
N CYS A 61 -22.49 9.12 4.52
CA CYS A 61 -21.20 9.67 4.91
C CYS A 61 -21.02 9.58 6.42
N TYR A 62 -19.87 9.06 6.84
CA TYR A 62 -19.51 8.90 8.24
C TYR A 62 -18.41 9.91 8.57
N GLY A 63 -18.60 10.65 9.66
CA GLY A 63 -17.63 11.64 10.07
C GLY A 63 -17.92 13.02 9.49
N VAL A 64 -17.88 13.13 8.17
CA VAL A 64 -18.19 14.39 7.51
C VAL A 64 -19.67 14.42 7.13
N SER A 65 -20.22 15.63 7.08
CA SER A 65 -21.62 15.81 6.71
C SER A 65 -21.72 16.11 5.23
N PRO A 66 -22.47 15.34 4.44
CA PRO A 66 -22.57 15.63 3.01
C PRO A 66 -23.26 16.95 2.68
N THR A 67 -24.04 17.49 3.62
CA THR A 67 -24.93 18.61 3.33
C THR A 67 -24.11 19.89 3.19
N LYS A 68 -23.56 20.11 1.99
CA LYS A 68 -22.90 21.38 1.64
C LYS A 68 -21.67 21.64 2.50
N LEU A 69 -20.81 20.63 2.62
CA LEU A 69 -19.48 20.78 3.20
C LEU A 69 -18.38 20.64 2.16
N ASN A 70 -18.60 21.18 0.97
CA ASN A 70 -17.59 21.20 -0.09
C ASN A 70 -16.57 22.32 0.10
N ASP A 71 -16.48 22.89 1.30
CA ASP A 71 -15.52 23.95 1.62
C ASP A 71 -14.44 23.44 2.56
N LEU A 72 -13.99 22.21 2.36
CA LEU A 72 -12.95 21.61 3.17
C LEU A 72 -11.80 21.15 2.27
N CYS A 73 -10.62 21.04 2.88
CA CYS A 73 -9.41 20.64 2.18
C CYS A 73 -8.84 19.38 2.81
N PHE A 74 -8.36 18.47 1.96
CA PHE A 74 -7.78 17.22 2.42
C PHE A 74 -6.48 16.94 1.67
N THR A 75 -5.60 16.17 2.31
CA THR A 75 -4.32 15.85 1.70
C THR A 75 -4.49 14.92 0.51
N ASN A 76 -5.25 13.85 0.67
CA ASN A 76 -5.38 12.88 -0.42
C ASN A 76 -6.75 12.22 -0.34
N VAL A 77 -7.21 11.73 -1.50
CA VAL A 77 -8.50 11.07 -1.64
C VAL A 77 -8.27 9.69 -2.24
N TYR A 78 -8.75 8.66 -1.57
CA TYR A 78 -8.73 7.29 -2.08
C TYR A 78 -10.14 6.89 -2.50
N ALA A 79 -10.27 6.39 -3.72
CA ALA A 79 -11.56 5.88 -4.21
C ALA A 79 -11.44 4.38 -4.40
N ASP A 80 -12.12 3.61 -3.56
CA ASP A 80 -12.12 2.16 -3.63
C ASP A 80 -13.44 1.68 -4.21
N SER A 81 -13.39 0.91 -5.28
CA SER A 81 -14.61 0.51 -5.96
C SER A 81 -14.62 -1.00 -6.18
N PHE A 82 -15.83 -1.55 -6.16
CA PHE A 82 -16.08 -2.97 -6.39
C PHE A 82 -17.57 -3.18 -6.62
N VAL A 83 -17.96 -4.45 -6.74
CA VAL A 83 -19.34 -4.86 -6.97
C VAL A 83 -19.71 -5.98 -5.99
N ILE A 84 -20.88 -5.86 -5.38
CA ILE A 84 -21.39 -6.91 -4.48
C ILE A 84 -22.85 -7.17 -4.79
N ARG A 85 -23.51 -7.99 -3.99
CA ARG A 85 -24.95 -8.18 -4.08
C ARG A 85 -25.67 -7.20 -3.15
N GLY A 86 -26.98 -7.05 -3.37
CA GLY A 86 -27.73 -6.02 -2.67
C GLY A 86 -27.79 -6.23 -1.17
N ASP A 87 -28.10 -7.46 -0.75
CA ASP A 87 -28.26 -7.75 0.67
C ASP A 87 -26.97 -7.52 1.46
N GLU A 88 -25.82 -7.49 0.79
CA GLU A 88 -24.55 -7.27 1.43
C GLU A 88 -24.12 -5.81 1.43
N VAL A 89 -24.91 -4.92 0.82
CA VAL A 89 -24.54 -3.50 0.80
C VAL A 89 -24.52 -2.92 2.21
N ARG A 90 -25.41 -3.39 3.08
CA ARG A 90 -25.40 -2.94 4.47
C ARG A 90 -24.14 -3.41 5.21
N GLN A 91 -23.43 -4.39 4.67
CA GLN A 91 -22.20 -4.86 5.30
C GLN A 91 -21.02 -3.92 5.08
N ILE A 92 -21.10 -3.02 4.09
CA ILE A 92 -20.02 -2.07 3.83
C ILE A 92 -20.30 -0.87 4.73
N ALA A 93 -19.84 -0.99 5.98
CA ALA A 93 -20.07 0.00 7.01
C ALA A 93 -19.22 -0.36 8.22
N PRO A 94 -18.88 0.62 9.05
CA PRO A 94 -18.16 0.31 10.28
C PRO A 94 -18.96 -0.61 11.19
N GLY A 95 -18.25 -1.54 11.82
CA GLY A 95 -18.84 -2.45 12.77
C GLY A 95 -19.87 -3.42 12.21
N GLN A 96 -19.58 -4.04 11.07
CA GLN A 96 -20.47 -4.99 10.44
C GLN A 96 -19.80 -6.35 10.34
N THR A 97 -20.61 -7.40 10.35
CA THR A 97 -20.13 -8.77 10.31
C THR A 97 -20.75 -9.51 9.13
N GLY A 98 -20.09 -10.59 8.73
CA GLY A 98 -20.54 -11.39 7.61
C GLY A 98 -19.37 -11.86 6.77
N LYS A 99 -19.64 -12.60 5.69
CA LYS A 99 -18.55 -13.07 4.84
C LYS A 99 -17.79 -11.91 4.21
N ILE A 100 -18.51 -10.92 3.69
CA ILE A 100 -17.86 -9.80 3.01
C ILE A 100 -17.05 -8.96 4.00
N ALA A 101 -17.61 -8.68 5.17
CA ALA A 101 -16.92 -7.82 6.13
C ALA A 101 -15.71 -8.53 6.73
N ASP A 102 -15.79 -9.84 6.93
CA ASP A 102 -14.71 -10.56 7.60
C ASP A 102 -13.63 -11.06 6.65
N TYR A 103 -13.97 -11.43 5.42
CA TYR A 103 -13.03 -12.08 4.52
C TYR A 103 -12.71 -11.30 3.25
N ASN A 104 -13.52 -10.31 2.89
CA ASN A 104 -13.35 -9.65 1.60
C ASN A 104 -13.02 -8.17 1.72
N TYR A 105 -13.83 -7.40 2.43
CA TYR A 105 -13.61 -5.96 2.55
C TYR A 105 -13.97 -5.51 3.96
N LYS A 106 -13.06 -4.79 4.59
CA LYS A 106 -13.24 -4.34 5.97
C LYS A 106 -13.00 -2.85 6.05
N LEU A 107 -13.82 -2.16 6.84
CA LEU A 107 -13.71 -0.75 7.08
C LEU A 107 -13.36 -0.49 8.55
N PRO A 108 -12.54 0.52 8.85
CA PRO A 108 -12.19 0.79 10.24
C PRO A 108 -13.37 1.29 11.04
N ASP A 109 -13.28 1.09 12.35
CA ASP A 109 -14.34 1.55 13.26
C ASP A 109 -14.47 3.06 13.26
N ASP A 110 -13.34 3.78 13.12
CA ASP A 110 -13.32 5.23 13.11
C ASP A 110 -13.29 5.78 11.69
N PHE A 111 -13.97 5.12 10.78
CA PHE A 111 -13.93 5.50 9.37
C PHE A 111 -14.56 6.87 9.17
N THR A 112 -13.85 7.74 8.46
CA THR A 112 -14.39 9.01 7.98
C THR A 112 -14.33 9.01 6.45
N GLY A 113 -15.46 9.26 5.83
CA GLY A 113 -15.58 9.12 4.39
C GLY A 113 -16.98 8.68 4.02
N CYS A 114 -17.18 8.51 2.71
CA CYS A 114 -18.52 8.30 2.17
C CYS A 114 -18.60 6.99 1.40
N VAL A 115 -19.78 6.37 1.44
CA VAL A 115 -20.09 5.13 0.76
C VAL A 115 -21.28 5.39 -0.16
N ILE A 116 -21.09 5.13 -1.46
CA ILE A 116 -22.10 5.33 -2.48
C ILE A 116 -22.34 3.99 -3.18
N ALA A 117 -23.59 3.56 -3.20
CA ALA A 117 -23.95 2.29 -3.80
C ALA A 117 -25.15 2.49 -4.70
N TRP A 118 -25.09 1.92 -5.90
CA TRP A 118 -26.23 1.99 -6.80
C TRP A 118 -26.43 0.66 -7.52
N ASN A 119 -27.68 0.38 -7.87
CA ASN A 119 -28.04 -0.85 -8.56
C ASN A 119 -27.36 -0.92 -9.93
N SER A 120 -26.90 -2.12 -10.29
CA SER A 120 -26.23 -2.35 -11.57
C SER A 120 -26.81 -3.58 -12.26
N ASN A 121 -28.12 -3.77 -12.15
CA ASN A 121 -28.76 -4.91 -12.80
C ASN A 121 -28.72 -4.81 -14.31
N ASN A 122 -28.87 -3.61 -14.86
CA ASN A 122 -28.92 -3.43 -16.31
C ASN A 122 -27.58 -3.64 -16.97
N LEU A 123 -26.49 -3.74 -16.21
CA LEU A 123 -25.16 -3.93 -16.76
C LEU A 123 -24.46 -5.20 -16.27
N ASP A 124 -24.62 -5.54 -14.99
CA ASP A 124 -23.86 -6.63 -14.38
C ASP A 124 -24.67 -7.91 -14.19
N SER A 125 -25.86 -7.98 -14.75
CA SER A 125 -26.68 -9.20 -14.70
C SER A 125 -26.87 -9.73 -16.11
N LYS A 126 -26.65 -11.03 -16.28
CA LYS A 126 -26.65 -11.65 -17.59
C LYS A 126 -27.55 -12.88 -17.59
N VAL A 127 -28.16 -13.15 -18.74
CA VAL A 127 -29.00 -14.33 -18.90
C VAL A 127 -28.14 -15.58 -18.78
N GLY A 128 -28.55 -16.50 -17.90
CA GLY A 128 -27.75 -17.66 -17.59
C GLY A 128 -26.77 -17.46 -16.46
N GLY A 129 -26.58 -16.24 -15.98
CA GLY A 129 -25.69 -15.97 -14.88
C GLY A 129 -24.35 -15.39 -15.31
N ASN A 130 -23.97 -14.28 -14.70
CA ASN A 130 -22.67 -13.66 -14.92
C ASN A 130 -21.77 -14.04 -13.74
N TYR A 131 -20.72 -14.80 -14.02
CA TYR A 131 -19.86 -15.36 -12.98
C TYR A 131 -18.47 -14.73 -13.00
N ASN A 132 -18.39 -13.44 -13.28
CA ASN A 132 -17.12 -12.73 -13.32
C ASN A 132 -16.75 -12.06 -12.01
N TYR A 133 -17.59 -12.16 -10.98
CA TYR A 133 -17.34 -11.55 -9.70
C TYR A 133 -17.22 -12.64 -8.63
N LEU A 134 -16.19 -12.53 -7.80
CA LEU A 134 -15.85 -13.57 -6.83
C LEU A 134 -15.76 -12.98 -5.44
N TYR A 135 -15.97 -13.83 -4.44
CA TYR A 135 -15.82 -13.45 -3.04
C TYR A 135 -15.24 -14.63 -2.27
N ARG A 136 -14.49 -14.32 -1.21
CA ARG A 136 -13.86 -15.34 -0.39
C ARG A 136 -14.85 -15.88 0.63
N LEU A 137 -14.94 -17.20 0.72
CA LEU A 137 -15.90 -17.84 1.62
C LEU A 137 -15.27 -18.34 2.91
N PHE A 138 -14.01 -18.75 2.89
CA PHE A 138 -13.33 -19.26 4.06
C PHE A 138 -12.01 -18.52 4.26
N ARG A 139 -11.61 -18.38 5.52
CA ARG A 139 -10.31 -17.84 5.86
C ARG A 139 -9.94 -18.28 7.27
N LYS A 140 -8.63 -18.35 7.52
CA LYS A 140 -8.14 -18.74 8.83
C LYS A 140 -8.47 -17.70 9.91
N SER A 141 -8.57 -16.43 9.55
CA SER A 141 -8.90 -15.37 10.49
C SER A 141 -9.54 -14.23 9.73
N ASN A 142 -10.05 -13.24 10.47
CA ASN A 142 -10.70 -12.10 9.85
C ASN A 142 -9.67 -11.12 9.28
N LEU A 143 -10.14 -10.24 8.41
CA LEU A 143 -9.31 -9.24 7.77
C LEU A 143 -9.17 -8.00 8.65
N LYS A 144 -8.05 -7.31 8.46
CA LYS A 144 -7.80 -6.01 9.04
C LYS A 144 -8.37 -4.90 8.16
N PRO A 145 -8.55 -3.69 8.70
CA PRO A 145 -9.06 -2.60 7.87
C PRO A 145 -8.19 -2.34 6.65
N PHE A 146 -8.86 -2.17 5.50
CA PHE A 146 -8.23 -1.91 4.20
C PHE A 146 -7.24 -3.00 3.80
N GLU A 147 -7.42 -4.21 4.31
CA GLU A 147 -6.57 -5.32 3.89
C GLU A 147 -7.09 -5.88 2.57
N ARG A 148 -6.19 -6.57 1.86
CA ARG A 148 -6.51 -7.10 0.53
C ARG A 148 -5.78 -8.42 0.37
N ASP A 149 -6.53 -9.52 0.29
CA ASP A 149 -5.98 -10.85 0.13
C ASP A 149 -6.28 -11.35 -1.27
N ILE A 150 -5.25 -11.83 -1.97
CA ILE A 150 -5.40 -12.37 -3.31
C ILE A 150 -4.78 -13.76 -3.38
N SER A 151 -4.60 -14.40 -2.23
CA SER A 151 -4.02 -15.73 -2.17
C SER A 151 -5.05 -16.78 -2.57
N THR A 152 -4.56 -17.89 -3.13
CA THR A 152 -5.41 -18.98 -3.61
C THR A 152 -5.11 -20.30 -2.92
N GLU A 153 -4.42 -20.26 -1.79
CA GLU A 153 -4.13 -21.49 -1.04
C GLU A 153 -5.43 -22.13 -0.58
N ILE A 154 -5.53 -23.44 -0.75
CA ILE A 154 -6.78 -24.13 -0.42
C ILE A 154 -6.96 -24.20 1.09
N TYR A 155 -8.22 -24.15 1.51
CA TYR A 155 -8.56 -24.10 2.93
C TYR A 155 -8.80 -25.50 3.46
N GLN A 156 -8.25 -25.76 4.65
CA GLN A 156 -8.32 -27.07 5.30
C GLN A 156 -9.30 -26.98 6.46
N ALA A 157 -10.42 -27.70 6.34
CA ALA A 157 -11.38 -27.77 7.43
C ALA A 157 -11.12 -28.93 8.39
N GLY A 158 -10.16 -29.79 8.07
CA GLY A 158 -9.84 -30.93 8.90
C GLY A 158 -8.50 -30.79 9.60
N SER A 159 -7.99 -31.92 10.08
CA SER A 159 -6.69 -31.97 10.75
C SER A 159 -5.62 -32.63 9.91
N THR A 160 -5.99 -33.33 8.84
CA THR A 160 -5.06 -33.97 7.90
C THR A 160 -4.65 -32.99 6.82
N PRO A 161 -3.36 -32.92 6.51
CA PRO A 161 -2.90 -31.99 5.46
C PRO A 161 -3.57 -32.28 4.13
N CYS A 162 -3.90 -31.21 3.42
CA CYS A 162 -4.61 -31.33 2.15
C CYS A 162 -3.69 -31.65 0.98
N ASN A 163 -2.40 -31.33 1.11
CA ASN A 163 -1.41 -31.61 0.06
C ASN A 163 -1.77 -30.93 -1.25
N GLY A 164 -2.43 -29.78 -1.19
CA GLY A 164 -2.72 -29.01 -2.37
C GLY A 164 -3.84 -29.53 -3.24
N VAL A 165 -4.63 -30.49 -2.75
CA VAL A 165 -5.72 -31.07 -3.53
C VAL A 165 -7.03 -30.83 -2.77
N GLU A 166 -8.08 -30.53 -3.53
CA GLU A 166 -9.40 -30.23 -2.95
C GLU A 166 -10.21 -31.52 -2.85
N GLY A 167 -10.00 -32.24 -1.76
CA GLY A 167 -10.72 -33.47 -1.52
C GLY A 167 -11.67 -33.40 -0.35
N PHE A 168 -11.31 -34.04 0.76
CA PHE A 168 -12.13 -34.09 1.96
C PHE A 168 -11.62 -33.05 2.94
N ASN A 169 -12.50 -32.15 3.36
CA ASN A 169 -12.16 -30.97 4.16
C ASN A 169 -11.16 -30.06 3.48
N CYS A 170 -11.13 -30.03 2.16
CA CYS A 170 -10.23 -29.18 1.40
C CYS A 170 -11.05 -28.42 0.37
N TYR A 171 -11.13 -27.10 0.54
CA TYR A 171 -12.04 -26.29 -0.25
C TYR A 171 -11.28 -25.18 -0.97
N PHE A 172 -11.80 -24.77 -2.11
CA PHE A 172 -11.34 -23.55 -2.75
C PHE A 172 -11.96 -22.35 -2.06
N PRO A 173 -11.17 -21.47 -1.45
CA PRO A 173 -11.75 -20.40 -0.62
C PRO A 173 -12.52 -19.34 -1.41
N LEU A 174 -12.35 -19.26 -2.73
CA LEU A 174 -13.03 -18.26 -3.54
C LEU A 174 -14.21 -18.89 -4.27
N GLN A 175 -15.36 -18.23 -4.23
CA GLN A 175 -16.56 -18.69 -4.91
C GLN A 175 -17.18 -17.53 -5.66
N SER A 176 -17.79 -17.83 -6.80
CA SER A 176 -18.30 -16.81 -7.71
C SER A 176 -19.76 -16.50 -7.44
N TYR A 177 -20.11 -15.22 -7.56
CA TYR A 177 -21.50 -14.82 -7.54
C TYR A 177 -22.23 -15.32 -8.78
N GLY A 178 -23.53 -15.51 -8.65
CA GLY A 178 -24.38 -15.75 -9.80
C GLY A 178 -25.40 -14.65 -9.95
N PHE A 179 -25.26 -13.83 -10.99
CA PHE A 179 -26.11 -12.66 -11.17
C PHE A 179 -27.00 -12.87 -12.38
N GLN A 180 -28.31 -12.77 -12.17
CA GLN A 180 -29.29 -12.91 -13.23
CA GLN A 180 -29.29 -12.92 -13.22
C GLN A 180 -30.28 -11.77 -13.17
N PRO A 181 -30.82 -11.35 -14.33
CA PRO A 181 -31.73 -10.20 -14.35
C PRO A 181 -33.05 -10.44 -13.63
N THR A 182 -33.44 -11.69 -13.41
CA THR A 182 -34.75 -11.99 -12.84
C THR A 182 -34.72 -12.15 -11.33
N ASN A 183 -33.55 -12.03 -10.69
CA ASN A 183 -33.46 -12.22 -9.26
C ASN A 183 -34.09 -11.05 -8.51
N GLY A 184 -34.28 -11.24 -7.22
CA GLY A 184 -34.78 -10.18 -6.38
C GLY A 184 -33.72 -9.14 -6.08
N VAL A 185 -34.14 -8.09 -5.38
CA VAL A 185 -33.25 -6.97 -5.12
C VAL A 185 -32.11 -7.38 -4.19
N GLY A 186 -32.31 -8.43 -3.40
CA GLY A 186 -31.23 -8.93 -2.56
C GLY A 186 -30.20 -9.75 -3.30
N TYR A 187 -30.53 -10.21 -4.51
CA TYR A 187 -29.62 -11.02 -5.31
C TYR A 187 -29.15 -10.30 -6.57
N GLN A 188 -29.41 -8.98 -6.69
CA GLN A 188 -29.05 -8.18 -7.84
C GLN A 188 -27.73 -7.45 -7.60
N PRO A 189 -26.95 -7.21 -8.66
CA PRO A 189 -25.64 -6.59 -8.47
C PRO A 189 -25.76 -5.13 -8.08
N TYR A 190 -24.80 -4.69 -7.27
CA TYR A 190 -24.72 -3.30 -6.82
C TYR A 190 -23.27 -2.84 -6.90
N ARG A 191 -23.06 -1.68 -7.52
CA ARG A 191 -21.75 -1.07 -7.63
C ARG A 191 -21.53 -0.17 -6.41
N VAL A 192 -20.36 -0.32 -5.77
CA VAL A 192 -20.04 0.36 -4.52
C VAL A 192 -18.74 1.12 -4.70
N VAL A 193 -18.75 2.39 -4.29
CA VAL A 193 -17.59 3.27 -4.27
C VAL A 193 -17.45 3.84 -2.86
N VAL A 194 -16.24 3.77 -2.30
CA VAL A 194 -15.93 4.31 -0.99
C VAL A 194 -14.88 5.39 -1.19
N LEU A 195 -15.20 6.61 -0.77
CA LEU A 195 -14.26 7.72 -0.79
C LEU A 195 -13.72 7.91 0.61
N SER A 196 -12.41 7.77 0.75
CA SER A 196 -11.71 7.93 2.02
C SER A 196 -10.79 9.15 1.92
N PHE A 197 -10.78 9.96 2.97
CA PHE A 197 -10.06 11.24 2.98
C PHE A 197 -8.94 11.18 3.99
N GLU A 198 -7.73 11.56 3.57
CA GLU A 198 -6.57 11.61 4.43
C GLU A 198 -6.08 13.05 4.52
N LEU A 199 -5.76 13.49 5.73
CA LEU A 199 -5.27 14.84 6.00
C LEU A 199 -3.91 14.73 6.68
N LEU A 200 -2.86 15.13 5.98
CA LEU A 200 -1.50 15.10 6.48
C LEU A 200 -1.01 16.52 6.72
N HIS A 201 0.21 16.63 7.25
CA HIS A 201 0.78 17.90 7.65
C HIS A 201 1.68 18.48 6.55
N ALA A 202 1.13 18.66 5.36
CA ALA A 202 1.88 19.41 4.35
C ALA A 202 0.97 19.97 3.25
N PRO A 203 0.55 19.18 2.25
CA PRO A 203 0.02 19.81 1.03
C PRO A 203 -1.41 20.31 1.12
N ALA A 204 -2.29 19.53 1.76
CA ALA A 204 -3.73 19.79 1.76
C ALA A 204 -4.22 20.13 0.36
N THR A 205 -3.84 19.27 -0.59
CA THR A 205 -3.97 19.60 -2.01
C THR A 205 -5.38 19.40 -2.55
N VAL A 206 -6.25 18.69 -1.85
CA VAL A 206 -7.59 18.39 -2.33
C VAL A 206 -8.55 19.29 -1.56
N CYS A 207 -8.84 20.47 -2.14
CA CYS A 207 -9.84 21.38 -1.58
C CYS A 207 -11.15 21.29 -2.35
N GLY A 208 -11.11 21.53 -3.66
CA GLY A 208 -12.29 21.43 -4.49
C GLY A 208 -13.36 22.46 -4.19
N PRO A 209 -13.09 23.75 -4.49
CA PRO A 209 -14.08 24.81 -4.28
C PRO A 209 -15.37 24.60 -5.07
N GLN B 1 5.07 19.41 7.25
CA GLN B 1 6.04 19.31 8.32
C GLN B 1 6.03 17.93 8.99
N VAL B 2 5.82 16.90 8.19
CA VAL B 2 5.90 15.53 8.68
C VAL B 2 7.38 15.18 8.92
N GLN B 3 7.68 14.69 10.12
CA GLN B 3 9.06 14.46 10.51
C GLN B 3 9.22 13.16 11.27
N LEU B 4 10.35 12.49 11.03
CA LEU B 4 10.79 11.30 11.76
C LEU B 4 12.23 11.51 12.20
N GLN B 5 12.54 11.13 13.44
CA GLN B 5 13.89 11.33 13.97
C GLN B 5 14.34 10.10 14.74
N GLU B 6 15.53 9.60 14.41
CA GLU B 6 16.11 8.42 15.02
C GLU B 6 17.15 8.79 16.06
N SER B 7 17.38 7.87 16.99
CA SER B 7 18.37 8.04 18.03
C SER B 7 18.85 6.68 18.52
N GLY B 8 20.08 6.66 19.02
CA GLY B 8 20.67 5.48 19.62
C GLY B 8 21.97 5.01 19.00
N GLY B 9 22.40 5.58 17.88
CA GLY B 9 23.58 5.07 17.21
C GLY B 9 24.86 5.31 17.98
N GLY B 10 25.86 4.49 17.67
CA GLY B 10 27.15 4.61 18.31
C GLY B 10 27.99 3.38 18.06
N VAL B 11 29.10 3.30 18.78
CA VAL B 11 30.01 2.16 18.68
C VAL B 11 29.67 1.15 19.77
N VAL B 12 29.93 -0.11 19.49
CA VAL B 12 29.65 -1.19 20.43
C VAL B 12 30.58 -2.35 20.13
N GLN B 13 31.05 -3.02 21.19
CA GLN B 13 31.91 -4.19 21.02
C GLN B 13 31.08 -5.40 20.62
N PRO B 14 31.67 -6.34 19.87
CA PRO B 14 30.88 -7.49 19.38
C PRO B 14 30.38 -8.35 20.52
N GLY B 15 29.20 -8.93 20.31
CA GLY B 15 28.56 -9.77 21.30
C GLY B 15 27.69 -9.03 22.30
N ARG B 16 27.68 -7.70 22.26
CA ARG B 16 26.87 -6.90 23.17
C ARG B 16 25.52 -6.59 22.51
N SER B 17 24.76 -5.67 23.09
CA SER B 17 23.43 -5.33 22.63
C SER B 17 23.31 -3.81 22.46
N LEU B 18 22.23 -3.39 21.83
CA LEU B 18 22.01 -1.97 21.56
C LEU B 18 20.52 -1.75 21.33
N ARG B 19 20.09 -0.49 21.48
CA ARG B 19 18.68 -0.14 21.33
C ARG B 19 18.55 1.16 20.53
N LEU B 20 17.63 1.16 19.57
CA LEU B 20 17.40 2.31 18.70
C LEU B 20 15.94 2.71 18.76
N SER B 21 15.70 4.02 18.72
CA SER B 21 14.35 4.57 18.78
C SER B 21 14.13 5.53 17.63
N CYS B 22 12.89 5.62 17.16
CA CYS B 22 12.50 6.65 16.20
C CYS B 22 11.18 7.26 16.64
N ALA B 23 11.14 8.59 16.64
CA ALA B 23 9.96 9.34 17.05
C ALA B 23 9.37 10.09 15.86
N ALA B 24 8.04 10.17 15.84
CA ALA B 24 7.30 10.70 14.70
C ALA B 24 6.50 11.93 15.11
N SER B 25 6.25 12.79 14.13
CA SER B 25 5.41 13.96 14.36
C SER B 25 4.79 14.41 13.04
N GLY B 26 3.50 14.72 13.05
CA GLY B 26 2.85 15.23 11.87
C GLY B 26 1.76 14.33 11.30
N PHE B 27 1.46 13.24 11.99
CA PHE B 27 0.44 12.31 11.54
C PHE B 27 -0.01 11.45 12.71
N THR B 28 -1.05 10.65 12.46
CA THR B 28 -1.63 9.79 13.49
C THR B 28 -0.87 8.47 13.51
N PHE B 29 -0.08 8.26 14.56
CA PHE B 29 0.87 7.14 14.58
C PHE B 29 0.16 5.80 14.58
N SER B 30 -0.97 5.69 15.27
CA SER B 30 -1.59 4.39 15.51
C SER B 30 -2.22 3.78 14.26
N ARG B 31 -2.30 4.51 13.16
CA ARG B 31 -2.95 4.03 11.94
C ARG B 31 -1.98 3.44 10.93
N TYR B 32 -0.67 3.45 11.20
CA TYR B 32 0.32 3.15 10.18
C TYR B 32 1.27 2.06 10.66
N GLY B 33 1.73 1.26 9.70
CA GLY B 33 2.80 0.30 9.96
C GLY B 33 4.17 0.91 9.73
N MET B 34 5.16 0.37 10.42
CA MET B 34 6.50 0.97 10.41
C MET B 34 7.55 -0.06 10.04
N HIS B 35 8.63 0.42 9.43
CA HIS B 35 9.71 -0.44 8.93
C HIS B 35 11.06 0.09 9.38
N TRP B 36 12.04 -0.80 9.41
CA TRP B 36 13.45 -0.48 9.66
C TRP B 36 14.26 -0.87 8.44
N VAL B 37 15.12 0.04 7.98
CA VAL B 37 16.01 -0.22 6.85
C VAL B 37 17.44 0.09 7.28
N ARG B 38 18.40 -0.60 6.66
CA ARG B 38 19.80 -0.31 6.93
C ARG B 38 20.59 -0.30 5.62
N GLN B 39 21.70 0.43 5.66
CA GLN B 39 22.58 0.57 4.51
C GLN B 39 24.02 0.48 4.98
N ALA B 40 24.73 -0.55 4.52
CA ALA B 40 26.13 -0.72 4.89
C ALA B 40 26.99 0.32 4.18
N PRO B 41 28.13 0.71 4.79
CA PRO B 41 28.99 1.72 4.16
C PRO B 41 29.49 1.29 2.80
N GLY B 42 29.06 2.00 1.76
CA GLY B 42 29.41 1.68 0.40
C GLY B 42 28.53 0.66 -0.28
N LYS B 43 27.61 0.04 0.44
CA LYS B 43 26.73 -0.97 -0.10
C LYS B 43 25.33 -0.39 -0.32
N GLY B 44 24.38 -1.24 -0.67
CA GLY B 44 23.03 -0.83 -0.96
C GLY B 44 22.12 -0.86 0.24
N LEU B 45 20.81 -0.86 -0.03
CA LEU B 45 19.79 -0.82 1.00
C LEU B 45 19.30 -2.22 1.32
N GLU B 46 19.09 -2.50 2.60
CA GLU B 46 18.62 -3.79 3.08
C GLU B 46 17.52 -3.59 4.10
N TRP B 47 16.39 -4.28 3.88
CA TRP B 47 15.25 -4.19 4.79
C TRP B 47 15.49 -5.06 6.01
N VAL B 48 15.08 -4.56 7.18
CA VAL B 48 15.42 -5.18 8.46
C VAL B 48 14.19 -5.80 9.13
N ALA B 49 13.18 -4.98 9.45
CA ALA B 49 12.04 -5.48 10.20
C ALA B 49 10.81 -4.64 9.89
N VAL B 50 9.64 -5.21 10.19
CA VAL B 50 8.36 -4.55 9.98
C VAL B 50 7.43 -4.86 11.16
N ILE B 51 6.67 -3.85 11.57
CA ILE B 51 5.61 -3.98 12.57
C ILE B 51 4.34 -3.34 12.02
N TRP B 52 3.20 -3.92 12.36
CA TRP B 52 1.91 -3.47 11.85
C TRP B 52 1.39 -2.30 12.67
N TYR B 53 0.21 -1.79 12.28
CA TYR B 53 -0.32 -0.60 12.93
C TYR B 53 -0.71 -0.87 14.37
N ASP B 54 -1.31 -2.01 14.66
CA ASP B 54 -1.75 -2.33 16.00
C ASP B 54 -0.77 -3.20 16.77
N GLY B 55 0.36 -3.59 16.15
CA GLY B 55 1.37 -4.36 16.83
C GLY B 55 1.10 -5.84 16.95
N SER B 56 0.12 -6.38 16.21
CA SER B 56 -0.21 -7.79 16.34
C SER B 56 0.90 -8.67 15.76
N ASN B 57 1.37 -8.36 14.56
CA ASN B 57 2.34 -9.18 13.87
C ASN B 57 3.67 -8.46 13.74
N LYS B 58 4.75 -9.22 13.84
CA LYS B 58 6.12 -8.71 13.82
C LYS B 58 6.92 -9.56 12.84
N TYR B 59 7.73 -8.95 12.00
CA TYR B 59 8.52 -9.74 11.07
C TYR B 59 9.93 -9.16 10.93
N TYR B 60 10.90 -10.06 10.73
CA TYR B 60 12.30 -9.71 10.65
C TYR B 60 12.93 -10.40 9.45
N ALA B 61 14.11 -9.92 9.07
CA ALA B 61 14.89 -10.55 8.01
C ALA B 61 15.62 -11.78 8.55
N ASP B 62 15.99 -12.67 7.62
CA ASP B 62 16.68 -13.89 7.99
C ASP B 62 18.07 -13.63 8.58
N SER B 63 18.75 -12.58 8.12
CA SER B 63 20.07 -12.26 8.62
C SER B 63 20.06 -11.74 10.05
N VAL B 64 18.89 -11.42 10.60
CA VAL B 64 18.77 -10.92 11.96
C VAL B 64 17.73 -11.68 12.78
N LYS B 65 17.16 -12.76 12.25
CA LYS B 65 16.14 -13.51 12.98
C LYS B 65 16.75 -14.16 14.22
N GLY B 66 16.01 -14.09 15.32
CA GLY B 66 16.47 -14.64 16.58
C GLY B 66 17.35 -13.73 17.39
N ARG B 67 17.76 -12.60 16.85
CA ARG B 67 18.59 -11.64 17.55
C ARG B 67 17.96 -10.27 17.70
N PHE B 68 17.15 -9.84 16.74
CA PHE B 68 16.59 -8.50 16.71
C PHE B 68 15.11 -8.56 17.06
N THR B 69 14.66 -7.61 17.89
CA THR B 69 13.27 -7.54 18.30
C THR B 69 12.72 -6.15 18.04
N ILE B 70 11.61 -6.06 17.33
CA ILE B 70 10.98 -4.78 17.01
C ILE B 70 9.73 -4.61 17.86
N SER B 71 9.43 -3.37 18.23
CA SER B 71 8.23 -3.07 19.00
C SER B 71 7.82 -1.62 18.74
N ARG B 72 6.58 -1.30 19.11
CA ARG B 72 6.07 0.05 18.94
C ARG B 72 5.30 0.48 20.17
N ASP B 73 5.46 1.74 20.56
CA ASP B 73 4.70 2.36 21.64
C ASP B 73 4.02 3.59 21.04
N ASN B 74 2.78 3.42 20.61
CA ASN B 74 2.05 4.47 19.93
C ASN B 74 1.19 5.31 20.87
N SER B 75 1.22 5.03 22.17
CA SER B 75 0.75 5.98 23.17
C SER B 75 1.78 7.06 23.46
N LYS B 76 3.02 6.87 23.02
CA LYS B 76 4.07 7.86 23.14
C LYS B 76 4.68 8.21 21.78
N ASN B 77 4.14 7.68 20.69
CA ASN B 77 4.56 8.01 19.33
C ASN B 77 6.02 7.63 19.10
N THR B 78 6.32 6.34 19.24
CA THR B 78 7.71 5.91 19.12
C THR B 78 7.78 4.46 18.65
N LEU B 79 8.90 4.12 18.01
CA LEU B 79 9.17 2.78 17.52
C LEU B 79 10.57 2.36 17.95
N TYR B 80 10.71 1.12 18.40
CA TYR B 80 11.91 0.63 19.04
C TYR B 80 12.45 -0.61 18.35
N LEU B 81 13.78 -0.68 18.25
CA LEU B 81 14.50 -1.87 17.78
C LEU B 81 15.55 -2.26 18.79
N GLN B 82 15.59 -3.54 19.15
CA GLN B 82 16.55 -4.07 20.10
C GLN B 82 17.45 -5.06 19.37
N MET B 83 18.75 -4.84 19.43
CA MET B 83 19.74 -5.63 18.71
C MET B 83 20.57 -6.42 19.71
N ASN B 84 20.58 -7.75 19.56
CA ASN B 84 21.28 -8.65 20.46
C ASN B 84 22.31 -9.46 19.69
N SER B 85 23.40 -9.81 20.38
CA SER B 85 24.47 -10.63 19.81
C SER B 85 25.03 -10.00 18.52
N LEU B 86 25.58 -8.80 18.68
CA LEU B 86 26.00 -8.00 17.54
C LEU B 86 27.34 -8.50 16.99
N ARG B 87 27.40 -8.68 15.68
CA ARG B 87 28.64 -9.00 15.00
C ARG B 87 29.13 -7.80 14.21
N ALA B 88 30.27 -7.94 13.55
CA ALA B 88 30.89 -6.85 12.81
C ALA B 88 30.21 -6.57 11.48
N ASP B 89 29.31 -7.45 11.04
CA ASP B 89 28.60 -7.25 9.79
C ASP B 89 27.34 -6.41 9.95
N ASP B 90 27.04 -5.96 11.16
CA ASP B 90 25.86 -5.15 11.42
C ASP B 90 26.15 -3.66 11.39
N THR B 91 27.37 -3.27 11.00
CA THR B 91 27.73 -1.86 10.90
C THR B 91 27.03 -1.24 9.69
N ALA B 92 26.17 -0.25 9.94
CA ALA B 92 25.39 0.34 8.87
C ALA B 92 24.71 1.61 9.39
N VAL B 93 24.08 2.32 8.48
CA VAL B 93 23.19 3.44 8.80
C VAL B 93 21.76 2.92 8.83
N TYR B 94 21.02 3.25 9.88
CA TYR B 94 19.68 2.75 10.11
C TYR B 94 18.66 3.87 9.92
N TYR B 95 17.59 3.56 9.18
CA TYR B 95 16.49 4.47 8.88
C TYR B 95 15.19 3.88 9.41
N CYS B 96 14.37 4.73 10.02
CA CYS B 96 13.02 4.40 10.42
C CYS B 96 12.05 4.95 9.40
N ALA B 97 11.20 4.09 8.84
CA ALA B 97 10.38 4.46 7.69
C ALA B 97 8.90 4.24 7.97
N LYS B 98 8.08 5.17 7.47
CA LYS B 98 6.62 5.13 7.59
C LYS B 98 6.01 4.81 6.22
N GLN B 99 5.07 3.89 6.20
CA GLN B 99 4.49 3.42 4.95
C GLN B 99 3.28 4.25 4.55
N GLU B 100 3.03 4.29 3.25
CA GLU B 100 1.98 5.13 2.68
C GLU B 100 0.63 4.42 2.78
N GLY B 101 -0.38 5.14 3.24
CA GLY B 101 -1.71 4.59 3.41
C GLY B 101 -1.99 4.22 4.85
N THR B 102 -3.28 4.20 5.19
CA THR B 102 -3.73 3.90 6.54
C THR B 102 -4.04 2.41 6.67
N TYR B 103 -3.76 1.87 7.85
CA TYR B 103 -4.03 0.46 8.20
C TYR B 103 -3.23 -0.42 7.25
N CYS B 104 -3.84 -1.40 6.57
CA CYS B 104 -3.09 -2.25 5.66
C CYS B 104 -2.80 -1.62 4.31
N SER B 105 -3.34 -0.44 4.02
CA SER B 105 -2.90 0.37 2.89
C SER B 105 -3.03 -0.37 1.56
N GLY B 106 -4.08 -1.17 1.44
CA GLY B 106 -4.38 -1.78 0.16
C GLY B 106 -3.79 -3.15 -0.09
N GLY B 107 -2.92 -3.65 0.78
CA GLY B 107 -2.55 -5.05 0.70
C GLY B 107 -1.68 -5.56 1.82
N SER B 108 -2.12 -6.65 2.47
CA SER B 108 -1.36 -7.40 3.47
C SER B 108 -0.55 -6.52 4.43
N CYS B 109 -1.09 -5.35 4.77
CA CYS B 109 -0.45 -4.33 5.58
C CYS B 109 0.98 -4.01 5.18
N TYR B 110 1.34 -4.13 3.90
CA TYR B 110 2.63 -3.70 3.39
C TYR B 110 2.42 -2.77 2.20
N SER B 111 3.21 -1.71 2.14
CA SER B 111 3.13 -0.75 1.05
C SER B 111 4.45 0.01 0.96
N GLY B 112 4.50 1.00 0.08
CA GLY B 112 5.71 1.76 -0.13
C GLY B 112 6.01 2.67 1.05
N LEU B 113 7.27 3.12 1.10
CA LEU B 113 7.77 3.92 2.19
C LEU B 113 7.90 5.37 1.72
N ASP B 114 7.02 6.23 2.23
CA ASP B 114 6.94 7.61 1.73
C ASP B 114 7.58 8.63 2.65
N TYR B 115 7.83 8.30 3.92
CA TYR B 115 8.52 9.19 4.83
C TYR B 115 9.65 8.43 5.51
N TRP B 116 10.84 9.00 5.48
CA TRP B 116 12.05 8.38 6.02
C TRP B 116 12.70 9.30 7.04
N GLY B 117 13.43 8.70 7.97
CA GLY B 117 14.27 9.45 8.88
C GLY B 117 15.63 9.74 8.26
N GLN B 118 16.44 10.49 9.01
CA GLN B 118 17.79 10.82 8.57
C GLN B 118 18.80 9.73 8.88
N GLY B 119 18.45 8.77 9.72
CA GLY B 119 19.30 7.62 9.98
C GLY B 119 20.37 7.88 11.02
N THR B 120 20.82 6.79 11.63
CA THR B 120 21.90 6.83 12.62
C THR B 120 22.90 5.74 12.30
N LEU B 121 24.18 6.04 12.51
CA LEU B 121 25.25 5.11 12.19
C LEU B 121 25.58 4.23 13.38
N VAL B 122 25.62 2.92 13.16
CA VAL B 122 25.97 1.94 14.18
C VAL B 122 27.17 1.14 13.67
N THR B 123 28.27 1.18 14.42
CA THR B 123 29.49 0.48 14.06
C THR B 123 29.88 -0.48 15.17
N VAL B 124 30.09 -1.75 14.81
CA VAL B 124 30.49 -2.78 15.76
C VAL B 124 31.96 -3.09 15.53
N SER B 125 32.80 -2.79 16.52
CA SER B 125 34.23 -2.99 16.38
C SER B 125 34.86 -3.03 17.77
N SER B 126 36.15 -3.31 17.80
CA SER B 126 36.93 -3.31 19.03
C SER B 126 38.29 -2.67 18.83
N ASP C 1 12.20 -16.79 -0.59
CA ASP C 1 12.15 -15.34 -0.72
C ASP C 1 12.05 -14.92 -2.18
N ILE C 2 11.81 -13.64 -2.41
CA ILE C 2 11.69 -13.07 -3.75
C ILE C 2 12.92 -12.22 -3.99
N GLN C 3 13.74 -12.60 -4.97
CA GLN C 3 14.95 -11.87 -5.30
C GLN C 3 14.62 -10.80 -6.34
N MET C 4 15.05 -9.57 -6.06
CA MET C 4 14.79 -8.43 -6.93
C MET C 4 16.11 -8.04 -7.58
N THR C 5 16.19 -8.19 -8.90
CA THR C 5 17.44 -7.99 -9.64
C THR C 5 17.38 -6.68 -10.41
N GLN C 6 18.43 -5.87 -10.28
CA GLN C 6 18.50 -4.56 -10.91
C GLN C 6 19.79 -4.48 -11.71
N SER C 7 19.68 -4.44 -13.03
CA SER C 7 20.84 -4.44 -13.91
C SER C 7 20.49 -3.70 -15.19
N PRO C 8 21.41 -2.91 -15.77
CA PRO C 8 22.79 -2.68 -15.33
C PRO C 8 22.91 -1.84 -14.06
N SER C 9 24.05 -1.95 -13.38
CA SER C 9 24.29 -1.21 -12.15
C SER C 9 24.83 0.18 -12.39
N SER C 10 25.09 0.55 -13.65
CA SER C 10 25.57 1.88 -13.98
C SER C 10 24.95 2.32 -15.29
N LEU C 11 24.85 3.64 -15.47
CA LEU C 11 24.26 4.20 -16.67
C LEU C 11 24.79 5.62 -16.86
N SER C 12 24.96 6.00 -18.12
CA SER C 12 25.46 7.33 -18.48
C SER C 12 24.48 7.98 -19.43
N ALA C 13 24.13 9.24 -19.15
CA ALA C 13 23.18 9.98 -19.97
C ALA C 13 23.53 11.46 -19.93
N SER C 14 23.01 12.19 -20.92
CA SER C 14 23.25 13.62 -21.02
C SER C 14 21.95 14.39 -20.88
N VAL C 15 22.05 15.62 -20.38
CA VAL C 15 20.90 16.46 -20.05
C VAL C 15 20.02 16.67 -21.27
N GLY C 16 18.73 16.42 -21.11
CA GLY C 16 17.76 16.54 -22.18
C GLY C 16 17.35 15.22 -22.80
N ASP C 17 17.96 14.12 -22.41
CA ASP C 17 17.65 12.82 -22.98
C ASP C 17 16.65 12.06 -22.12
N ARG C 18 16.18 10.94 -22.65
CA ARG C 18 15.21 10.09 -21.99
C ARG C 18 15.92 8.89 -21.36
N VAL C 19 15.57 8.59 -20.12
CA VAL C 19 16.24 7.54 -19.34
C VAL C 19 15.22 6.51 -18.89
N THR C 20 15.59 5.23 -19.05
CA THR C 20 14.72 4.13 -18.67
C THR C 20 15.52 3.13 -17.82
N ILE C 21 14.90 2.66 -16.74
CA ILE C 21 15.51 1.73 -15.80
C ILE C 21 14.57 0.54 -15.60
N THR C 22 15.15 -0.66 -15.52
CA THR C 22 14.39 -1.90 -15.44
C THR C 22 14.71 -2.62 -14.14
N CYS C 23 13.67 -3.19 -13.52
CA CYS C 23 13.79 -3.98 -12.30
C CYS C 23 13.09 -5.32 -12.53
N ARG C 24 13.73 -6.41 -12.10
CA ARG C 24 13.23 -7.75 -12.30
C ARG C 24 12.90 -8.42 -10.96
N ALA C 25 12.01 -9.38 -11.01
CA ALA C 25 11.58 -10.14 -9.85
C ALA C 25 11.81 -11.64 -10.09
N SER C 26 11.41 -12.44 -9.11
CA SER C 26 11.56 -13.89 -9.19
C SER C 26 10.25 -14.65 -9.06
N GLN C 27 9.21 -14.04 -8.48
CA GLN C 27 7.89 -14.64 -8.40
C GLN C 27 6.87 -13.58 -8.78
N SER C 28 5.60 -13.87 -8.55
CA SER C 28 4.52 -12.95 -8.86
C SER C 28 4.24 -12.08 -7.64
N ILE C 29 4.37 -10.76 -7.80
CA ILE C 29 4.13 -9.80 -6.75
C ILE C 29 3.00 -8.83 -7.11
N SER C 30 2.27 -9.11 -8.19
CA SER C 30 1.14 -8.30 -8.65
C SER C 30 1.65 -6.89 -8.96
N SER C 31 1.15 -5.85 -8.30
CA SER C 31 1.58 -4.48 -8.57
C SER C 31 2.15 -3.83 -7.32
N TYR C 32 2.79 -4.61 -6.46
CA TYR C 32 3.35 -4.09 -5.21
C TYR C 32 4.84 -3.79 -5.39
N LEU C 33 5.11 -2.76 -6.18
CA LEU C 33 6.46 -2.31 -6.46
C LEU C 33 6.59 -0.82 -6.15
N ASN C 34 7.78 -0.43 -5.69
CA ASN C 34 8.05 0.96 -5.37
C ASN C 34 9.45 1.35 -5.88
N TRP C 35 9.61 2.63 -6.21
CA TRP C 35 10.85 3.18 -6.74
C TRP C 35 11.35 4.30 -5.84
N TYR C 36 12.64 4.29 -5.56
CA TYR C 36 13.26 5.28 -4.69
C TYR C 36 14.47 5.90 -5.37
N GLN C 37 14.66 7.19 -5.12
CA GLN C 37 15.87 7.92 -5.48
C GLN C 37 16.80 7.96 -4.28
N GLN C 38 18.07 8.29 -4.53
CA GLN C 38 18.99 8.59 -3.42
C GLN C 38 20.21 9.29 -3.96
N LYS C 39 20.48 10.50 -3.46
CA LYS C 39 21.70 11.27 -3.64
C LYS C 39 22.67 10.98 -2.51
N PRO C 40 23.97 11.16 -2.73
CA PRO C 40 24.95 10.77 -1.70
C PRO C 40 24.71 11.48 -0.38
N GLY C 41 24.79 10.71 0.71
CA GLY C 41 24.64 11.25 2.04
C GLY C 41 23.24 11.73 2.38
N LYS C 42 22.21 11.20 1.73
CA LYS C 42 20.84 11.66 1.94
C LYS C 42 19.91 10.47 2.05
N ALA C 43 18.77 10.70 2.70
CA ALA C 43 17.73 9.69 2.79
C ALA C 43 17.10 9.46 1.42
N PRO C 44 16.60 8.25 1.16
CA PRO C 44 16.11 7.92 -0.19
C PRO C 44 14.97 8.79 -0.72
N LYS C 45 13.83 8.80 -0.04
CA LYS C 45 12.59 9.45 -0.50
C LYS C 45 11.96 8.69 -1.66
N LEU C 46 10.62 8.66 -1.68
CA LEU C 46 9.86 7.83 -2.62
C LEU C 46 9.48 8.63 -3.86
N LEU C 47 9.54 7.97 -5.02
CA LEU C 47 9.14 8.55 -6.29
C LEU C 47 7.81 7.98 -6.79
N ILE C 48 7.72 6.67 -6.93
CA ILE C 48 6.53 6.01 -7.47
C ILE C 48 6.20 4.80 -6.62
N TYR C 49 4.95 4.70 -6.18
CA TYR C 49 4.46 3.56 -5.44
C TYR C 49 3.35 2.87 -6.24
N ALA C 50 3.07 1.63 -5.87
CA ALA C 50 2.10 0.78 -6.57
C ALA C 50 2.45 0.60 -8.04
N ALA C 51 3.70 0.87 -8.39
CA ALA C 51 4.28 0.63 -9.72
C ALA C 51 3.79 1.59 -10.79
N SER C 52 2.78 2.41 -10.48
CA SER C 52 2.29 3.36 -11.46
C SER C 52 1.86 4.69 -10.88
N SER C 53 2.00 4.90 -9.57
CA SER C 53 1.40 6.05 -8.90
C SER C 53 2.50 7.00 -8.45
N LEU C 54 2.40 8.25 -8.89
CA LEU C 54 3.37 9.27 -8.49
C LEU C 54 3.09 9.75 -7.07
N GLN C 55 4.15 10.22 -6.42
CA GLN C 55 4.04 10.81 -5.10
C GLN C 55 3.89 12.32 -5.23
N SER C 56 3.21 12.91 -4.25
CA SER C 56 3.00 14.36 -4.25
C SER C 56 4.34 15.08 -4.17
N GLY C 57 4.51 16.08 -5.03
CA GLY C 57 5.74 16.85 -5.09
C GLY C 57 6.70 16.40 -6.17
N VAL C 58 6.54 15.20 -6.72
CA VAL C 58 7.41 14.73 -7.79
C VAL C 58 7.03 15.45 -9.09
N PRO C 59 7.99 16.00 -9.83
CA PRO C 59 7.66 16.66 -11.09
C PRO C 59 6.98 15.71 -12.06
N SER C 60 6.05 16.25 -12.84
CA SER C 60 5.20 15.44 -13.72
C SER C 60 5.96 15.02 -14.98
N ARG C 61 7.11 14.40 -14.75
CA ARG C 61 7.89 13.79 -15.82
C ARG C 61 8.34 12.37 -15.51
N PHE C 62 8.43 11.98 -14.24
CA PHE C 62 8.69 10.60 -13.88
C PHE C 62 7.44 9.76 -14.14
N SER C 63 7.63 8.62 -14.81
CA SER C 63 6.52 7.73 -15.11
C SER C 63 6.98 6.29 -14.91
N GLY C 64 6.15 5.49 -14.25
CA GLY C 64 6.45 4.09 -14.00
C GLY C 64 5.32 3.20 -14.45
N SER C 65 5.68 2.03 -14.98
CA SER C 65 4.69 1.08 -15.48
C SER C 65 5.24 -0.32 -15.34
N GLY C 66 4.33 -1.30 -15.32
CA GLY C 66 4.70 -2.68 -15.24
C GLY C 66 3.87 -3.49 -14.26
N SER C 67 3.54 -4.73 -14.64
CA SER C 67 2.82 -5.64 -13.77
C SER C 67 3.34 -7.04 -13.99
N GLY C 68 3.29 -7.85 -12.93
CA GLY C 68 3.78 -9.21 -13.00
C GLY C 68 5.15 -9.41 -12.40
N THR C 69 6.15 -9.63 -13.23
CA THR C 69 7.51 -9.85 -12.77
C THR C 69 8.53 -8.86 -13.32
N ASP C 70 8.18 -8.09 -14.33
CA ASP C 70 9.09 -7.13 -14.96
C ASP C 70 8.49 -5.74 -14.90
N PHE C 71 9.32 -4.74 -14.60
CA PHE C 71 8.87 -3.37 -14.42
C PHE C 71 9.85 -2.41 -15.08
N THR C 72 9.48 -1.13 -15.09
CA THR C 72 10.30 -0.10 -15.71
C THR C 72 10.03 1.25 -15.05
N LEU C 73 10.95 2.18 -15.26
CA LEU C 73 10.81 3.56 -14.81
C LEU C 73 11.38 4.49 -15.89
N THR C 74 10.71 5.63 -16.10
CA THR C 74 11.04 6.54 -17.18
C THR C 74 11.10 7.98 -16.66
N ILE C 75 11.98 8.78 -17.27
CA ILE C 75 12.17 10.18 -16.90
C ILE C 75 11.70 11.13 -17.99
N SER C 76 12.15 10.91 -19.23
CA SER C 76 11.70 11.63 -20.43
C SER C 76 12.22 13.05 -20.50
N SER C 77 12.86 13.54 -19.44
CA SER C 77 13.51 14.86 -19.48
C SER C 77 14.58 14.86 -18.38
N LEU C 78 15.83 14.67 -18.77
CA LEU C 78 16.91 14.59 -17.81
C LEU C 78 17.33 16.00 -17.39
N GLN C 79 17.20 16.30 -16.12
CA GLN C 79 17.56 17.58 -15.55
C GLN C 79 18.83 17.46 -14.74
N PRO C 80 19.53 18.57 -14.50
CA PRO C 80 20.78 18.52 -13.70
C PRO C 80 20.57 17.93 -12.31
N GLU C 81 19.35 17.97 -11.79
CA GLU C 81 19.05 17.46 -10.47
C GLU C 81 18.61 15.99 -10.49
N ASP C 82 18.63 15.35 -11.66
CA ASP C 82 18.17 13.98 -11.82
C ASP C 82 19.32 12.98 -11.92
N PHE C 83 20.39 13.21 -11.19
CA PHE C 83 21.58 12.34 -11.20
C PHE C 83 21.74 11.74 -9.82
N ALA C 84 21.30 10.50 -9.64
CA ALA C 84 21.31 9.84 -8.35
C ALA C 84 21.30 8.33 -8.57
N THR C 85 21.05 7.58 -7.48
CA THR C 85 20.97 6.13 -7.51
C THR C 85 19.52 5.71 -7.28
N TYR C 86 19.03 4.80 -8.12
CA TYR C 86 17.63 4.40 -8.09
C TYR C 86 17.51 2.96 -7.60
N TYR C 87 16.56 2.73 -6.69
CA TYR C 87 16.31 1.43 -6.10
C TYR C 87 14.87 1.01 -6.33
N CYS C 88 14.64 -0.29 -6.44
CA CYS C 88 13.30 -0.86 -6.56
C CYS C 88 13.05 -1.81 -5.40
N GLN C 89 11.85 -1.75 -4.84
CA GLN C 89 11.46 -2.55 -3.70
C GLN C 89 10.13 -3.24 -3.98
N GLN C 90 9.98 -4.46 -3.47
CA GLN C 90 8.72 -5.18 -3.51
C GLN C 90 8.10 -5.19 -2.12
N SER C 91 6.77 -5.12 -2.08
CA SER C 91 6.01 -5.11 -0.83
C SER C 91 4.89 -6.14 -0.88
N TYR C 92 5.17 -7.32 -1.42
CA TYR C 92 4.16 -8.36 -1.51
C TYR C 92 4.13 -9.22 -0.26
N SER C 93 5.28 -9.76 0.14
CA SER C 93 5.35 -10.60 1.33
C SER C 93 6.73 -10.47 1.96
N THR C 94 6.78 -10.76 3.26
CA THR C 94 8.03 -10.73 4.00
C THR C 94 8.87 -11.97 3.67
N PRO C 95 10.20 -11.83 3.63
CA PRO C 95 10.95 -10.58 3.84
C PRO C 95 10.97 -9.67 2.62
N LEU C 96 10.60 -8.40 2.82
CA LEU C 96 10.65 -7.42 1.75
C LEU C 96 12.11 -7.18 1.35
N THR C 97 12.36 -7.13 0.05
CA THR C 97 13.72 -7.13 -0.48
C THR C 97 13.94 -5.95 -1.39
N PHE C 98 15.11 -5.32 -1.25
CA PHE C 98 15.54 -4.25 -2.14
C PHE C 98 16.38 -4.80 -3.28
N GLY C 99 16.50 -4.01 -4.34
CA GLY C 99 17.38 -4.35 -5.46
C GLY C 99 18.79 -3.82 -5.25
N GLY C 100 19.66 -4.19 -6.20
CA GLY C 100 21.04 -3.74 -6.12
C GLY C 100 21.20 -2.24 -6.29
N GLY C 101 20.51 -1.68 -7.26
CA GLY C 101 20.57 -0.25 -7.51
C GLY C 101 21.35 0.08 -8.77
N ILE C 102 21.00 1.21 -9.38
CA ILE C 102 21.65 1.70 -10.60
C ILE C 102 22.04 3.15 -10.39
N LYS C 103 23.22 3.52 -10.88
CA LYS C 103 23.73 4.88 -10.74
C LYS C 103 23.80 5.54 -12.11
N VAL C 104 23.32 6.78 -12.18
CA VAL C 104 23.31 7.57 -13.41
C VAL C 104 24.33 8.69 -13.27
N ASP C 105 25.20 8.85 -14.27
CA ASP C 105 26.29 9.82 -14.24
C ASP C 105 26.23 10.72 -15.47
N ILE C 106 27.15 11.68 -15.52
CA ILE C 106 27.23 12.67 -16.58
C ILE C 106 28.10 12.13 -17.71
N LYS C 107 27.71 12.44 -18.94
CA LYS C 107 28.40 11.96 -20.13
C LYS C 107 29.18 13.11 -20.76
N ARG C 108 30.46 12.86 -21.03
CA ARG C 108 31.33 13.86 -21.64
C ARG C 108 32.27 13.23 -22.65
#